data_5R4Q
#
_entry.id   5R4Q
#
_cell.length_a   59.680
_cell.length_b   59.680
_cell.length_c   214.430
_cell.angle_alpha   90.000
_cell.angle_beta   90.000
_cell.angle_gamma   120.000
#
_symmetry.space_group_name_H-M   'P 32 2 1'
#
loop_
_entity.id
_entity.type
_entity.pdbx_description
1 polymer 'Cleavage and polyadenylation specificity factor subunit 5'
2 non-polymer 'ZINC ION'
3 non-polymer 'ACETATE ION'
4 non-polymer (3S)-3,4-dimethyl-3-propyl-3,4-dihydro-1H-1,4-benzodiazepine-2,5-dione
5 water water
#
_entity_poly.entity_id   1
_entity_poly.type   'polypeptide(L)'
_entity_poly.pdbx_seq_one_letter_code
;SMLERTINLYPLTNYTFGTKEPLYEKDSSVAARFQRMREEFDKIGMRRTVEGVLIVHEHRLPHVLLLQLGTTFFKLPGGE
LNPGEDEVEGLKRLMTEILGRQDGVLQDWVIDDCIGNWWRPNFEPPQYPYIPAHITKPKEHKKLFLVQLQEKALFAVPKN
YKLVAAPLFELYDNAPGYGPIISSLPQLLSRFNFIYN
;
_entity_poly.pdbx_strand_id   A,B
#
loop_
_chem_comp.id
_chem_comp.type
_chem_comp.name
_chem_comp.formula
ACT non-polymer 'ACETATE ION' 'C2 H3 O2 -1'
RW7 non-polymer (3S)-3,4-dimethyl-3-propyl-3,4-dihydro-1H-1,4-benzodiazepine-2,5-dione 'C14 H18 N2 O2'
ZN non-polymer 'ZINC ION' 'Zn 2'
#
# COMPACT_ATOMS: atom_id res chain seq x y z
N SER A 1 38.30 29.99 -6.88
CA SER A 1 36.88 30.18 -7.27
C SER A 1 36.46 29.14 -8.31
N MET A 2 36.25 27.91 -7.85
CA MET A 2 35.28 26.93 -8.39
C MET A 2 34.68 26.24 -7.16
N LEU A 3 33.52 26.71 -6.71
CA LEU A 3 32.84 26.18 -5.49
C LEU A 3 31.57 25.38 -5.87
N GLU A 4 31.26 25.27 -7.16
CA GLU A 4 30.01 24.61 -7.63
C GLU A 4 30.18 23.08 -7.70
N ARG A 5 29.14 22.38 -7.30
CA ARG A 5 28.99 20.92 -7.56
C ARG A 5 28.84 20.65 -9.08
N THR A 6 29.60 19.71 -9.64
CA THR A 6 29.57 19.29 -11.07
C THR A 6 28.65 18.06 -11.21
N ILE A 7 27.66 18.14 -12.10
CA ILE A 7 26.61 17.09 -12.32
C ILE A 7 26.61 16.71 -13.80
N ASN A 8 26.69 15.42 -14.07
CA ASN A 8 26.55 14.92 -15.48
C ASN A 8 25.06 14.82 -15.89
N LEU A 9 24.68 15.41 -17.04
CA LEU A 9 23.37 15.24 -17.72
C LEU A 9 23.56 14.48 -19.04
N TYR A 10 22.58 13.66 -19.36
CA TYR A 10 22.56 12.84 -20.60
C TYR A 10 21.34 13.22 -21.39
N PRO A 11 21.35 12.97 -22.74
CA PRO A 11 20.18 13.23 -23.56
C PRO A 11 18.92 12.41 -23.20
N LEU A 12 17.76 13.03 -23.30
CA LEU A 12 16.44 12.38 -23.03
C LEU A 12 16.33 11.11 -23.88
N THR A 13 16.86 11.11 -25.11
CA THR A 13 16.85 9.92 -26.01
C THR A 13 17.71 8.78 -25.49
N ASN A 14 18.55 8.98 -24.45
CA ASN A 14 19.32 7.89 -23.81
C ASN A 14 18.40 7.02 -22.91
N TYR A 15 17.18 7.45 -22.61
CA TYR A 15 16.35 6.79 -21.57
C TYR A 15 15.20 6.08 -22.27
N THR A 16 14.84 4.88 -21.80
CA THR A 16 13.63 4.13 -22.27
C THR A 16 12.51 4.21 -21.21
N PHE A 17 11.32 4.69 -21.61
CA PHE A 17 10.11 4.81 -20.77
C PHE A 17 9.12 3.71 -21.16
N GLY A 18 9.22 2.58 -20.47
CA GLY A 18 8.25 1.47 -20.52
C GLY A 18 7.00 1.77 -19.70
N THR A 19 6.11 0.78 -19.60
CA THR A 19 4.82 0.86 -18.86
C THR A 19 4.74 -0.27 -17.83
N LYS A 20 3.92 -0.08 -16.79
CA LYS A 20 3.50 -1.17 -15.88
C LYS A 20 2.12 -0.85 -15.32
N GLU A 21 1.64 -1.63 -14.35
CA GLU A 21 0.22 -1.54 -13.90
C GLU A 21 -0.02 -0.17 -13.24
N PRO A 22 -1.29 0.32 -13.18
CA PRO A 22 -1.57 1.58 -12.51
C PRO A 22 -1.07 1.56 -11.05
N LEU A 23 -0.68 2.73 -10.54
CA LEU A 23 -0.32 2.95 -9.12
C LEU A 23 -1.37 3.92 -8.56
N TYR A 24 -2.16 3.50 -7.59
CA TYR A 24 -3.27 4.33 -7.03
C TYR A 24 -2.77 5.10 -5.82
N GLU A 25 -3.30 6.31 -5.64
CA GLU A 25 -2.96 7.21 -4.49
C GLU A 25 -3.59 6.59 -3.23
N LYS A 26 -3.02 6.84 -2.05
CA LYS A 26 -3.58 6.33 -0.77
C LYS A 26 -4.88 7.09 -0.48
N ASP A 27 -5.03 8.28 -1.03
CA ASP A 27 -6.18 9.18 -0.74
C ASP A 27 -7.00 9.40 -2.01
N SER A 28 -8.33 9.25 -1.91
CA SER A 28 -9.27 9.40 -3.05
C SER A 28 -9.76 10.85 -3.23
N SER A 29 -9.26 11.82 -2.44
CA SER A 29 -9.68 13.25 -2.52
C SER A 29 -8.81 14.11 -1.59
N VAL A 30 -8.77 15.43 -1.83
CA VAL A 30 -8.16 16.46 -0.94
C VAL A 30 -8.71 16.22 0.48
N ALA A 31 -10.02 16.10 0.64
CA ALA A 31 -10.61 16.02 2.01
C ALA A 31 -10.07 14.75 2.72
N ALA A 32 -10.04 13.58 2.06
CA ALA A 32 -9.49 12.32 2.59
C ALA A 32 -7.98 12.48 2.87
N ARG A 33 -7.26 13.20 2.00
CA ARG A 33 -5.80 13.44 2.22
C ARG A 33 -5.59 14.13 3.56
N PHE A 34 -6.30 15.24 3.84
CA PHE A 34 -6.07 16.01 5.07
C PHE A 34 -6.68 15.25 6.30
N GLN A 35 -7.71 14.40 6.13
CA GLN A 35 -8.24 13.57 7.26
C GLN A 35 -7.16 12.56 7.70
N ARG A 36 -6.55 11.87 6.74
CA ARG A 36 -5.51 10.86 7.07
C ARG A 36 -4.28 11.56 7.69
N MET A 37 -3.90 12.75 7.23
CA MET A 37 -2.75 13.50 7.83
C MET A 37 -3.03 13.82 9.30
N ARG A 38 -4.28 14.19 9.62
N ARG A 38 -4.28 14.22 9.61
CA ARG A 38 -4.72 14.51 11.00
CA ARG A 38 -4.74 14.50 10.99
C ARG A 38 -4.69 13.24 11.86
C ARG A 38 -4.64 13.22 11.84
N GLU A 39 -5.21 12.13 11.34
CA GLU A 39 -5.22 10.82 12.08
C GLU A 39 -3.79 10.35 12.38
N GLU A 40 -2.90 10.37 11.38
CA GLU A 40 -1.50 9.88 11.56
C GLU A 40 -0.73 10.86 12.45
N PHE A 41 -0.97 12.17 12.38
CA PHE A 41 -0.29 13.15 13.26
C PHE A 41 -0.56 12.77 14.72
N ASP A 42 -1.80 12.44 15.07
CA ASP A 42 -2.16 12.06 16.47
C ASP A 42 -1.43 10.78 16.88
N LYS A 43 -1.14 9.85 15.96
CA LYS A 43 -0.52 8.54 16.28
C LYS A 43 1.01 8.66 16.28
N ILE A 44 1.61 9.26 15.25
CA ILE A 44 3.09 9.19 15.02
C ILE A 44 3.73 10.56 14.79
N GLY A 45 2.99 11.66 14.92
CA GLY A 45 3.58 13.00 14.79
C GLY A 45 3.77 13.44 13.34
N MET A 46 4.65 14.42 13.20
CA MET A 46 4.87 15.15 11.92
C MET A 46 5.06 14.14 10.76
N ARG A 47 4.38 14.36 9.65
CA ARG A 47 4.65 13.61 8.41
C ARG A 47 6.04 13.99 7.87
N ARG A 48 6.80 13.00 7.39
CA ARG A 48 8.12 13.17 6.74
C ARG A 48 8.04 12.67 5.31
N THR A 49 8.15 13.57 4.34
N THR A 49 8.23 13.58 4.34
CA THR A 49 8.15 13.22 2.90
CA THR A 49 8.09 13.33 2.89
C THR A 49 9.53 13.52 2.29
C THR A 49 9.42 13.63 2.18
N VAL A 50 9.81 12.82 1.20
CA VAL A 50 11.03 12.96 0.40
C VAL A 50 10.66 12.98 -1.08
N GLU A 51 11.36 13.81 -1.86
CA GLU A 51 11.11 13.94 -3.31
C GLU A 51 12.42 14.01 -4.05
N GLY A 52 12.47 13.41 -5.22
CA GLY A 52 13.63 13.33 -6.13
C GLY A 52 13.50 14.25 -7.32
N VAL A 53 14.56 14.97 -7.65
CA VAL A 53 14.70 15.80 -8.87
C VAL A 53 15.67 15.10 -9.81
N LEU A 54 15.11 14.64 -10.95
CA LEU A 54 15.83 13.86 -11.99
C LEU A 54 15.94 14.74 -13.25
N ILE A 55 17.17 14.97 -13.69
CA ILE A 55 17.46 15.93 -14.80
C ILE A 55 18.03 15.21 -16.01
N VAL A 56 17.59 15.67 -17.18
CA VAL A 56 18.11 15.21 -18.50
C VAL A 56 18.38 16.49 -19.33
N HIS A 57 18.91 16.31 -20.56
CA HIS A 57 18.95 17.45 -21.51
C HIS A 57 18.52 16.97 -22.91
N GLU A 58 18.10 17.95 -23.72
N GLU A 58 18.06 17.91 -23.75
CA GLU A 58 17.90 17.86 -25.19
CA GLU A 58 18.08 17.69 -25.21
C GLU A 58 18.68 19.02 -25.84
C GLU A 58 18.66 18.95 -25.86
N HIS A 59 19.68 18.73 -26.67
CA HIS A 59 20.47 19.76 -27.40
C HIS A 59 21.04 20.79 -26.41
N ARG A 60 21.45 20.32 -25.21
CA ARG A 60 22.07 21.15 -24.14
C ARG A 60 21.08 22.04 -23.37
N LEU A 61 19.77 21.75 -23.38
CA LEU A 61 18.72 22.50 -22.67
C LEU A 61 18.26 21.59 -21.53
N PRO A 62 18.52 21.95 -20.25
CA PRO A 62 18.13 21.05 -19.15
C PRO A 62 16.61 20.97 -19.03
N HIS A 63 16.11 19.76 -18.65
CA HIS A 63 14.69 19.41 -18.37
C HIS A 63 14.58 18.57 -17.06
N VAL A 64 13.57 18.84 -16.29
CA VAL A 64 13.21 18.08 -15.06
C VAL A 64 12.14 17.02 -15.46
N LEU A 65 12.33 15.79 -15.02
CA LEU A 65 11.28 14.73 -15.23
C LEU A 65 10.19 14.89 -14.18
N LEU A 66 8.93 15.04 -14.66
CA LEU A 66 7.75 15.20 -13.81
C LEU A 66 6.77 14.03 -14.06
N LEU A 67 6.07 13.61 -13.02
CA LEU A 67 4.94 12.63 -13.16
C LEU A 67 3.65 13.40 -13.36
N GLN A 68 2.93 13.07 -14.41
CA GLN A 68 1.62 13.67 -14.66
C GLN A 68 0.58 12.58 -14.39
N LEU A 69 -0.32 12.81 -13.44
CA LEU A 69 -1.51 11.95 -13.22
C LEU A 69 -2.54 12.29 -14.29
N GLY A 70 -2.87 11.34 -15.16
CA GLY A 70 -3.78 11.53 -16.31
C GLY A 70 -3.44 12.80 -17.07
N THR A 71 -4.31 13.81 -17.00
CA THR A 71 -4.07 15.16 -17.57
C THR A 71 -4.14 16.21 -16.43
N THR A 72 -4.10 15.76 -15.17
CA THR A 72 -4.34 16.64 -13.98
C THR A 72 -3.00 17.07 -13.35
N PHE A 73 -2.76 16.77 -12.06
CA PHE A 73 -1.62 17.24 -11.24
C PHE A 73 -0.28 16.79 -11.85
N PHE A 74 0.74 17.63 -11.66
CA PHE A 74 2.18 17.30 -11.79
C PHE A 74 2.80 17.10 -10.41
N LYS A 75 3.63 16.07 -10.29
CA LYS A 75 4.29 15.74 -9.02
C LYS A 75 5.74 15.28 -9.31
N LEU A 76 6.61 15.46 -8.31
CA LEU A 76 7.92 14.81 -8.30
C LEU A 76 7.80 13.36 -7.83
N PRO A 77 8.67 12.47 -8.31
CA PRO A 77 8.74 11.11 -7.76
C PRO A 77 9.17 11.16 -6.28
N GLY A 78 8.44 10.48 -5.39
CA GLY A 78 8.71 10.54 -3.95
C GLY A 78 7.55 10.03 -3.15
N GLY A 79 7.52 10.37 -1.89
CA GLY A 79 6.41 9.94 -1.02
C GLY A 79 6.75 10.00 0.44
N GLU A 80 6.01 9.24 1.23
CA GLU A 80 6.03 9.29 2.72
C GLU A 80 7.01 8.29 3.29
N LEU A 81 7.88 8.74 4.17
CA LEU A 81 8.79 7.85 4.99
C LEU A 81 7.95 7.13 6.06
N ASN A 82 8.38 5.89 6.42
CA ASN A 82 7.87 5.22 7.63
C ASN A 82 8.59 5.75 8.86
N PRO A 83 8.00 5.64 10.08
CA PRO A 83 8.74 5.96 11.30
C PRO A 83 10.10 5.26 11.47
N GLY A 84 11.14 6.01 11.80
CA GLY A 84 12.53 5.55 11.96
C GLY A 84 13.27 5.22 10.67
N GLU A 85 12.62 5.44 9.51
CA GLU A 85 13.26 5.21 8.20
C GLU A 85 14.22 6.32 7.78
N ASP A 86 15.43 5.99 7.38
CA ASP A 86 16.48 6.90 6.83
C ASP A 86 15.89 7.61 5.61
N GLU A 87 16.17 8.92 5.49
CA GLU A 87 15.59 9.70 4.36
C GLU A 87 16.11 9.28 2.98
N VAL A 88 17.41 9.04 2.84
CA VAL A 88 18.02 8.65 1.56
C VAL A 88 17.62 7.21 1.20
N GLU A 89 17.73 6.24 2.13
CA GLU A 89 17.20 4.87 1.82
C GLU A 89 15.71 4.94 1.46
N GLY A 90 14.95 5.77 2.16
CA GLY A 90 13.52 5.91 1.88
C GLY A 90 13.21 6.40 0.46
N LEU A 91 13.92 7.48 0.03
CA LEU A 91 13.69 8.01 -1.34
C LEU A 91 14.04 6.94 -2.39
N LYS A 92 15.11 6.21 -2.16
CA LYS A 92 15.53 5.10 -3.08
C LYS A 92 14.41 4.05 -3.15
N ARG A 93 13.88 3.64 -1.98
CA ARG A 93 12.69 2.72 -1.95
C ARG A 93 11.51 3.25 -2.76
N LEU A 94 11.08 4.50 -2.54
CA LEU A 94 9.90 5.09 -3.21
C LEU A 94 10.10 5.27 -4.73
N MET A 95 11.32 5.70 -5.13
CA MET A 95 11.59 5.84 -6.58
C MET A 95 11.55 4.44 -7.23
N THR A 96 12.00 3.40 -6.54
CA THR A 96 11.90 1.99 -7.11
C THR A 96 10.44 1.53 -7.19
N GLU A 97 9.62 1.87 -6.20
CA GLU A 97 8.18 1.49 -6.19
C GLU A 97 7.49 2.18 -7.37
N ILE A 98 7.86 3.43 -7.69
CA ILE A 98 7.20 4.18 -8.78
C ILE A 98 7.76 3.79 -10.16
N LEU A 99 9.09 3.86 -10.38
CA LEU A 99 9.70 3.78 -11.73
C LEU A 99 10.51 2.49 -11.94
N GLY A 100 10.69 1.64 -10.92
CA GLY A 100 11.50 0.40 -10.97
C GLY A 100 10.95 -0.63 -11.95
N ARG A 101 11.79 -1.55 -12.47
CA ARG A 101 11.45 -2.36 -13.66
C ARG A 101 10.58 -3.61 -13.37
N GLN A 102 9.71 -3.94 -14.33
CA GLN A 102 8.81 -5.13 -14.36
C GLN A 102 9.61 -6.45 -14.42
N ASP A 103 10.86 -6.41 -14.88
CA ASP A 103 11.78 -7.58 -14.95
C ASP A 103 12.63 -7.67 -13.68
N GLY A 104 12.47 -6.75 -12.72
CA GLY A 104 13.16 -6.79 -11.41
C GLY A 104 14.68 -6.77 -11.56
N VAL A 105 15.15 -5.79 -12.31
CA VAL A 105 16.58 -5.39 -12.43
C VAL A 105 16.63 -4.07 -11.66
N LEU A 106 17.66 -3.87 -10.85
CA LEU A 106 17.72 -2.70 -9.95
C LEU A 106 18.31 -1.45 -10.59
N GLN A 107 17.66 -0.31 -10.37
CA GLN A 107 18.25 0.96 -10.83
C GLN A 107 19.37 1.29 -9.84
N ASP A 108 20.38 1.98 -10.31
CA ASP A 108 21.43 2.37 -9.36
C ASP A 108 21.15 3.84 -9.07
N TRP A 109 20.35 4.11 -8.05
CA TRP A 109 20.02 5.51 -7.70
C TRP A 109 21.23 6.12 -7.00
N VAL A 110 21.67 7.29 -7.42
CA VAL A 110 22.79 8.03 -6.80
C VAL A 110 22.22 9.35 -6.25
N ILE A 111 22.27 9.52 -4.93
CA ILE A 111 21.75 10.70 -4.17
C ILE A 111 22.82 11.30 -3.26
N ASP A 112 23.36 12.47 -3.61
CA ASP A 112 24.49 13.06 -2.88
C ASP A 112 24.18 14.53 -2.49
N ASP A 113 23.04 15.14 -2.90
CA ASP A 113 22.86 16.61 -2.70
C ASP A 113 21.45 16.89 -2.18
N CYS A 114 21.29 17.66 -1.13
CA CYS A 114 19.99 18.31 -0.71
C CYS A 114 19.74 19.56 -1.53
N ILE A 115 18.55 19.61 -2.15
CA ILE A 115 18.07 20.76 -2.97
C ILE A 115 17.40 21.80 -2.05
N GLY A 116 16.60 21.38 -1.08
CA GLY A 116 15.74 22.25 -0.24
C GLY A 116 14.86 21.56 0.78
N ASN A 117 14.15 22.32 1.61
CA ASN A 117 13.31 21.89 2.74
C ASN A 117 12.04 22.77 2.72
N TRP A 118 10.86 22.14 2.80
CA TRP A 118 9.56 22.83 2.89
C TRP A 118 8.77 22.30 4.10
N TRP A 119 7.95 23.17 4.70
CA TRP A 119 7.19 22.91 5.93
C TRP A 119 5.72 23.33 5.77
N ARG A 120 4.85 22.45 6.22
CA ARG A 120 3.38 22.65 6.16
C ARG A 120 2.89 22.93 7.58
N PRO A 121 2.48 24.19 7.92
CA PRO A 121 2.12 24.49 9.31
C PRO A 121 0.77 23.94 9.78
N ASN A 122 -0.18 23.74 8.87
CA ASN A 122 -1.56 23.30 9.21
C ASN A 122 -1.99 22.11 8.34
N PHE A 123 -3.16 21.51 8.58
CA PHE A 123 -3.74 20.46 7.71
C PHE A 123 -4.44 21.16 6.54
N GLU A 124 -3.67 21.88 5.73
CA GLU A 124 -4.14 22.79 4.65
C GLU A 124 -3.03 22.85 3.59
N PRO A 125 -3.38 23.22 2.36
CA PRO A 125 -2.42 23.26 1.25
C PRO A 125 -1.12 24.07 1.46
N PRO A 126 -1.11 25.23 2.15
CA PRO A 126 0.10 26.07 2.18
C PRO A 126 1.38 25.40 2.71
N GLN A 127 2.49 25.58 1.96
CA GLN A 127 3.84 25.10 2.31
C GLN A 127 4.83 26.27 2.17
N TYR A 128 5.86 26.31 3.01
CA TYR A 128 6.87 27.42 3.04
C TYR A 128 8.29 26.86 3.12
N PRO A 129 9.29 27.59 2.58
CA PRO A 129 10.68 27.13 2.66
C PRO A 129 11.37 27.44 4.01
N TYR A 130 10.60 27.55 5.10
CA TYR A 130 11.00 27.83 6.50
C TYR A 130 9.82 27.47 7.42
N ILE A 131 10.01 27.31 8.73
CA ILE A 131 8.90 27.16 9.74
C ILE A 131 8.33 28.57 10.01
N PRO A 132 7.05 28.86 9.68
CA PRO A 132 6.49 30.19 9.90
C PRO A 132 6.48 30.62 11.38
N ALA A 133 6.36 31.93 11.58
CA ALA A 133 6.20 32.58 12.89
C ALA A 133 5.12 31.85 13.69
N HIS A 134 5.43 31.58 14.95
CA HIS A 134 4.46 31.11 15.97
C HIS A 134 4.16 29.61 15.78
N ILE A 135 4.77 28.94 14.80
CA ILE A 135 4.45 27.49 14.56
C ILE A 135 5.47 26.62 15.29
N THR A 136 5.00 25.84 16.28
CA THR A 136 5.83 24.95 17.13
C THR A 136 5.66 23.49 16.68
N LYS A 137 4.52 23.16 16.08
CA LYS A 137 4.21 21.77 15.67
C LYS A 137 3.85 21.75 14.18
N PRO A 138 4.82 21.83 13.25
CA PRO A 138 4.49 21.70 11.82
C PRO A 138 3.92 20.29 11.56
N LYS A 139 3.00 20.21 10.63
CA LYS A 139 2.22 18.97 10.30
C LYS A 139 2.98 18.10 9.29
N GLU A 140 3.83 18.65 8.43
CA GLU A 140 4.65 17.90 7.45
C GLU A 140 5.97 18.63 7.24
N HIS A 141 7.05 17.87 7.09
CA HIS A 141 8.41 18.32 6.67
C HIS A 141 8.75 17.60 5.36
N LYS A 142 8.98 18.33 4.26
CA LYS A 142 9.30 17.77 2.95
C LYS A 142 10.76 18.08 2.60
N LYS A 143 11.50 17.05 2.17
N LYS A 143 11.54 17.07 2.20
CA LYS A 143 12.93 17.22 1.79
CA LYS A 143 12.97 17.20 1.80
C LYS A 143 13.13 16.88 0.30
C LYS A 143 13.08 16.92 0.30
N LEU A 144 13.78 17.77 -0.45
CA LEU A 144 14.09 17.56 -1.87
C LEU A 144 15.56 17.20 -2.06
N PHE A 145 15.86 16.21 -2.90
CA PHE A 145 17.22 15.77 -3.24
C PHE A 145 17.42 15.72 -4.75
N LEU A 146 18.63 16.04 -5.21
CA LEU A 146 19.06 15.84 -6.62
C LEU A 146 19.45 14.38 -6.84
N VAL A 147 18.84 13.71 -7.81
CA VAL A 147 19.11 12.27 -8.14
C VAL A 147 19.97 12.26 -9.41
N GLN A 148 21.25 11.91 -9.29
CA GLN A 148 22.18 11.82 -10.47
C GLN A 148 21.83 10.55 -11.26
N LEU A 149 21.39 10.68 -12.51
CA LEU A 149 21.05 9.51 -13.37
C LEU A 149 22.31 8.89 -14.00
N GLN A 150 22.22 7.60 -14.25
CA GLN A 150 23.25 6.89 -15.08
C GLN A 150 23.13 7.35 -16.55
N GLU A 151 24.17 7.06 -17.35
CA GLU A 151 24.21 7.38 -18.81
C GLU A 151 22.96 6.87 -19.52
N LYS A 152 22.53 5.62 -19.26
CA LYS A 152 21.27 5.06 -19.80
C LYS A 152 20.46 4.34 -18.71
N ALA A 153 19.16 4.24 -18.90
CA ALA A 153 18.25 3.51 -17.98
C ALA A 153 16.91 3.25 -18.63
N LEU A 154 16.21 2.18 -18.18
CA LEU A 154 14.81 1.85 -18.57
C LEU A 154 13.93 2.14 -17.34
N PHE A 155 12.92 2.98 -17.48
CA PHE A 155 11.98 3.31 -16.38
C PHE A 155 10.61 2.72 -16.73
N ALA A 156 9.95 2.04 -15.79
CA ALA A 156 8.59 1.52 -16.00
C ALA A 156 7.59 2.50 -15.39
N VAL A 157 6.84 3.20 -16.23
CA VAL A 157 5.91 4.26 -15.76
C VAL A 157 4.53 3.63 -15.52
N PRO A 158 4.00 3.68 -14.30
CA PRO A 158 2.64 3.17 -14.07
C PRO A 158 1.69 3.72 -15.12
N LYS A 159 0.77 2.87 -15.61
CA LYS A 159 -0.07 3.13 -16.81
C LYS A 159 -0.99 4.33 -16.60
N ASN A 160 -1.36 4.70 -15.37
CA ASN A 160 -2.21 5.89 -15.08
C ASN A 160 -1.39 7.19 -15.03
N TYR A 161 -0.06 7.12 -15.24
CA TYR A 161 0.88 8.28 -15.24
C TYR A 161 1.59 8.40 -16.61
N LYS A 162 2.00 9.64 -16.99
CA LYS A 162 3.03 9.96 -18.02
C LYS A 162 4.28 10.57 -17.34
N LEU A 163 5.51 10.12 -17.66
CA LEU A 163 6.79 10.81 -17.32
C LEU A 163 7.01 11.89 -18.39
N VAL A 164 7.04 13.17 -18.00
CA VAL A 164 7.20 14.28 -18.98
C VAL A 164 8.47 15.05 -18.66
N ALA A 165 9.16 15.52 -19.68
CA ALA A 165 10.39 16.33 -19.53
C ALA A 165 10.02 17.81 -19.67
N ALA A 166 10.09 18.59 -18.58
CA ALA A 166 9.73 20.02 -18.57
C ALA A 166 11.00 20.86 -18.62
N PRO A 167 11.14 21.81 -19.57
CA PRO A 167 12.26 22.71 -19.62
C PRO A 167 12.15 23.71 -18.46
N LEU A 168 13.31 24.22 -18.02
CA LEU A 168 13.31 25.15 -16.89
C LEU A 168 12.44 26.39 -17.17
N PHE A 169 12.50 26.95 -18.40
CA PHE A 169 11.75 28.22 -18.66
C PHE A 169 10.25 28.01 -18.42
N GLU A 170 9.74 26.80 -18.65
CA GLU A 170 8.28 26.56 -18.49
C GLU A 170 7.88 26.54 -17.01
N LEU A 171 8.81 26.11 -16.13
CA LEU A 171 8.57 26.09 -14.67
C LEU A 171 8.68 27.49 -14.07
N TYR A 172 9.63 28.30 -14.55
CA TYR A 172 10.00 29.59 -13.94
C TYR A 172 8.83 30.58 -13.90
N ASP A 173 8.57 31.14 -12.72
CA ASP A 173 7.45 32.06 -12.40
C ASP A 173 6.11 31.44 -12.82
N ASN A 174 5.94 30.11 -12.70
CA ASN A 174 4.68 29.41 -13.09
C ASN A 174 4.12 28.62 -11.90
N ALA A 175 3.90 29.24 -10.74
CA ALA A 175 3.31 28.59 -9.55
C ALA A 175 1.86 28.17 -9.82
N PRO A 176 1.04 29.01 -10.50
CA PRO A 176 -0.31 28.60 -10.87
C PRO A 176 -0.26 27.23 -11.56
N GLY A 177 0.64 27.04 -12.54
CA GLY A 177 0.77 25.78 -13.28
C GLY A 177 1.25 24.66 -12.36
N TYR A 178 2.33 24.88 -11.59
CA TYR A 178 3.13 23.77 -11.02
C TYR A 178 3.17 23.82 -9.50
N GLY A 179 2.76 24.92 -8.90
CA GLY A 179 2.85 25.13 -7.44
C GLY A 179 4.21 25.68 -6.99
N PRO A 180 4.36 26.02 -5.70
CA PRO A 180 5.50 26.82 -5.23
C PRO A 180 6.84 26.07 -5.17
N ILE A 181 6.78 24.74 -5.10
CA ILE A 181 8.01 23.89 -4.98
C ILE A 181 8.58 23.63 -6.38
N ILE A 182 7.80 23.09 -7.31
CA ILE A 182 8.30 22.81 -8.69
C ILE A 182 8.68 24.13 -9.42
N SER A 183 7.91 25.21 -9.29
CA SER A 183 8.17 26.50 -9.96
C SER A 183 9.44 27.17 -9.46
N SER A 184 9.95 26.76 -8.28
CA SER A 184 11.22 27.37 -7.77
C SER A 184 12.40 26.45 -8.10
N LEU A 185 12.24 25.32 -8.81
CA LEU A 185 13.39 24.48 -9.20
C LEU A 185 14.41 25.23 -10.06
N PRO A 186 14.05 26.10 -11.03
CA PRO A 186 15.08 26.81 -11.81
C PRO A 186 16.06 27.54 -10.86
N GLN A 187 15.56 28.28 -9.91
CA GLN A 187 16.40 29.00 -8.93
C GLN A 187 17.28 28.01 -8.13
N LEU A 188 16.69 26.89 -7.66
CA LEU A 188 17.39 25.92 -6.80
C LEU A 188 18.44 25.13 -7.59
N LEU A 189 18.35 24.97 -8.91
CA LEU A 189 19.27 24.22 -9.76
C LEU A 189 20.41 25.10 -10.31
N SER A 190 20.26 26.44 -10.21
CA SER A 190 21.22 27.39 -10.84
C SER A 190 22.64 27.27 -10.26
N ARG A 191 22.77 26.77 -9.03
CA ARG A 191 24.14 26.64 -8.41
C ARG A 191 24.96 25.49 -9.00
N PHE A 192 24.37 24.57 -9.76
CA PHE A 192 25.09 23.37 -10.23
C PHE A 192 25.86 23.68 -11.53
N ASN A 193 27.00 23.07 -11.72
CA ASN A 193 27.75 23.10 -12.99
C ASN A 193 27.34 21.85 -13.79
N PHE A 194 26.36 21.98 -14.70
CA PHE A 194 25.88 20.81 -15.50
C PHE A 194 26.86 20.56 -16.68
N ILE A 195 27.21 19.30 -16.87
CA ILE A 195 28.01 18.80 -18.05
C ILE A 195 27.01 18.16 -19.03
N TYR A 196 26.93 18.64 -20.27
CA TYR A 196 25.96 18.15 -21.28
C TYR A 196 26.63 17.06 -22.12
N ASN A 197 26.47 15.79 -21.73
CA ASN A 197 27.15 14.64 -22.39
C ASN A 197 26.35 14.20 -23.63
N MET B 2 3.11 -6.91 29.09
CA MET B 2 2.95 -5.43 29.08
C MET B 2 3.17 -4.88 27.67
N LEU B 3 3.58 -5.74 26.73
CA LEU B 3 3.74 -5.37 25.27
C LEU B 3 2.59 -5.98 24.44
N GLU B 4 1.55 -6.55 25.10
CA GLU B 4 0.50 -7.38 24.45
C GLU B 4 -0.80 -6.58 24.23
N ARG B 5 -1.36 -6.70 23.05
CA ARG B 5 -2.66 -6.17 22.69
C ARG B 5 -3.74 -6.95 23.41
N THR B 6 -4.74 -6.28 23.97
CA THR B 6 -5.87 -6.89 24.69
C THR B 6 -7.09 -6.97 23.79
N ILE B 7 -7.68 -8.18 23.67
CA ILE B 7 -8.84 -8.44 22.75
C ILE B 7 -10.01 -9.08 23.54
N ASN B 8 -11.19 -8.46 23.50
CA ASN B 8 -12.42 -9.02 24.13
C ASN B 8 -12.93 -10.19 23.25
N LEU B 9 -13.21 -11.32 23.91
CA LEU B 9 -13.94 -12.48 23.30
C LEU B 9 -15.27 -12.65 24.04
N TYR B 10 -16.27 -13.18 23.34
CA TYR B 10 -17.63 -13.43 23.91
C TYR B 10 -18.02 -14.87 23.60
N PRO B 11 -18.89 -15.45 24.43
CA PRO B 11 -19.37 -16.79 24.17
C PRO B 11 -19.97 -16.98 22.80
N LEU B 12 -19.75 -18.19 22.24
CA LEU B 12 -20.35 -18.59 20.96
C LEU B 12 -21.87 -18.44 20.99
N THR B 13 -22.49 -18.70 22.14
CA THR B 13 -23.96 -18.59 22.26
C THR B 13 -24.47 -17.14 22.31
N ASN B 14 -23.59 -16.14 22.39
CA ASN B 14 -24.00 -14.72 22.22
C ASN B 14 -24.34 -14.42 20.76
N TYR B 15 -23.98 -15.31 19.79
CA TYR B 15 -24.12 -15.03 18.34
C TYR B 15 -25.27 -15.86 17.75
N THR B 16 -25.97 -15.32 16.76
CA THR B 16 -27.11 -15.94 16.06
C THR B 16 -26.66 -16.27 14.64
N PHE B 17 -26.80 -17.52 14.23
CA PHE B 17 -26.33 -17.99 12.90
C PHE B 17 -27.56 -18.20 12.01
N GLY B 18 -27.90 -17.22 11.20
CA GLY B 18 -29.04 -17.26 10.25
C GLY B 18 -28.55 -17.82 8.91
N THR B 19 -29.42 -17.84 7.90
CA THR B 19 -29.07 -18.38 6.56
C THR B 19 -29.58 -17.39 5.53
N LYS B 20 -28.92 -17.36 4.36
CA LYS B 20 -29.38 -16.63 3.14
C LYS B 20 -29.05 -17.44 1.90
N GLU B 21 -29.26 -16.83 0.74
CA GLU B 21 -29.15 -17.48 -0.58
C GLU B 21 -27.69 -17.88 -0.83
N PRO B 22 -27.39 -18.81 -1.76
CA PRO B 22 -26.04 -18.89 -2.31
C PRO B 22 -25.63 -17.55 -2.94
N LEU B 23 -24.33 -17.25 -2.97
CA LEU B 23 -23.79 -16.05 -3.69
C LEU B 23 -22.93 -16.54 -4.85
N TYR B 24 -22.93 -15.80 -5.96
CA TYR B 24 -22.26 -16.19 -7.23
C TYR B 24 -20.74 -16.17 -7.03
N GLU B 25 -20.06 -17.21 -7.51
CA GLU B 25 -18.58 -17.36 -7.53
C GLU B 25 -18.07 -17.07 -8.95
N LYS B 26 -16.89 -16.45 -9.07
CA LYS B 26 -16.26 -16.09 -10.36
C LYS B 26 -15.72 -17.36 -11.06
N ASP B 27 -15.00 -18.21 -10.33
CA ASP B 27 -14.29 -19.41 -10.88
C ASP B 27 -15.09 -20.69 -10.55
N SER B 28 -14.95 -21.72 -11.38
CA SER B 28 -15.62 -23.05 -11.23
C SER B 28 -14.60 -24.21 -11.33
N SER B 29 -13.30 -23.92 -11.40
CA SER B 29 -12.22 -24.95 -11.52
C SER B 29 -10.86 -24.37 -11.10
N VAL B 30 -10.02 -25.18 -10.42
CA VAL B 30 -8.56 -24.95 -10.17
C VAL B 30 -7.92 -24.40 -11.45
N ALA B 31 -8.30 -24.97 -12.61
CA ALA B 31 -7.85 -24.56 -13.97
C ALA B 31 -8.33 -23.14 -14.29
N ALA B 32 -9.63 -22.88 -14.11
CA ALA B 32 -10.30 -21.57 -14.37
C ALA B 32 -9.75 -20.47 -13.42
N ARG B 33 -9.33 -20.86 -12.22
CA ARG B 33 -8.78 -19.95 -11.17
C ARG B 33 -7.42 -19.42 -11.64
N PHE B 34 -6.50 -20.33 -11.98
CA PHE B 34 -5.10 -19.99 -12.39
C PHE B 34 -5.10 -19.37 -13.78
N GLN B 35 -6.11 -19.63 -14.63
CA GLN B 35 -6.35 -18.93 -15.93
C GLN B 35 -6.72 -17.45 -15.70
N ARG B 36 -7.63 -17.17 -14.76
CA ARG B 36 -8.15 -15.79 -14.56
C ARG B 36 -7.07 -14.94 -13.88
N MET B 37 -6.26 -15.54 -13.00
CA MET B 37 -5.15 -14.85 -12.27
C MET B 37 -4.20 -14.24 -13.30
N ARG B 38 -3.89 -14.97 -14.40
CA ARG B 38 -3.00 -14.54 -15.53
C ARG B 38 -3.58 -13.33 -16.26
N GLU B 39 -4.83 -13.42 -16.69
CA GLU B 39 -5.58 -12.35 -17.41
C GLU B 39 -5.47 -11.06 -16.61
N GLU B 40 -5.73 -11.12 -15.30
CA GLU B 40 -5.77 -9.92 -14.46
C GLU B 40 -4.33 -9.48 -14.20
N PHE B 41 -3.38 -10.40 -14.00
CA PHE B 41 -1.98 -10.00 -13.73
C PHE B 41 -1.51 -9.01 -14.81
N ASP B 42 -1.90 -9.26 -16.06
CA ASP B 42 -1.57 -8.43 -17.26
C ASP B 42 -2.20 -7.03 -17.17
N LYS B 43 -3.43 -6.94 -16.65
CA LYS B 43 -4.30 -5.74 -16.73
C LYS B 43 -4.24 -4.90 -15.45
N ILE B 44 -3.82 -5.47 -14.31
CA ILE B 44 -3.80 -4.74 -13.01
C ILE B 44 -2.58 -5.15 -12.16
N GLY B 45 -1.86 -6.21 -12.53
CA GLY B 45 -0.66 -6.65 -11.80
C GLY B 45 -1.01 -7.59 -10.66
N MET B 46 -0.28 -7.48 -9.54
CA MET B 46 -0.41 -8.43 -8.39
C MET B 46 -1.83 -8.49 -7.83
N ARG B 47 -2.42 -9.69 -7.73
CA ARG B 47 -3.72 -9.91 -7.06
C ARG B 47 -3.57 -9.53 -5.58
N ARG B 48 -4.54 -8.80 -5.02
CA ARG B 48 -4.52 -8.42 -3.59
C ARG B 48 -5.75 -9.02 -2.90
N THR B 49 -5.54 -9.96 -1.98
N THR B 49 -5.52 -9.95 -1.97
CA THR B 49 -6.62 -10.62 -1.17
CA THR B 49 -6.54 -10.66 -1.16
C THR B 49 -6.50 -10.24 0.31
C THR B 49 -6.52 -10.12 0.27
N VAL B 50 -7.65 -10.23 0.98
CA VAL B 50 -7.73 -9.91 2.43
C VAL B 50 -8.61 -11.00 3.09
N GLU B 51 -8.22 -11.45 4.25
CA GLU B 51 -9.01 -12.44 5.02
C GLU B 51 -9.21 -11.97 6.47
N GLY B 52 -10.39 -12.27 7.03
CA GLY B 52 -10.77 -11.90 8.40
C GLY B 52 -10.71 -13.06 9.37
N VAL B 53 -10.11 -12.91 10.54
CA VAL B 53 -10.02 -13.94 11.61
C VAL B 53 -10.95 -13.48 12.75
N LEU B 54 -12.07 -14.16 12.95
CA LEU B 54 -13.17 -13.87 13.90
C LEU B 54 -13.03 -14.88 15.03
N ILE B 55 -13.00 -14.44 16.28
CA ILE B 55 -12.68 -15.31 17.43
C ILE B 55 -13.80 -15.20 18.45
N VAL B 56 -14.20 -16.37 18.96
CA VAL B 56 -15.19 -16.51 20.06
C VAL B 56 -14.57 -17.41 21.11
N HIS B 57 -15.27 -17.60 22.25
CA HIS B 57 -14.81 -18.62 23.19
C HIS B 57 -15.97 -19.54 23.53
N GLU B 58 -15.65 -20.79 23.86
CA GLU B 58 -16.58 -21.68 24.61
C GLU B 58 -15.70 -22.49 25.55
N HIS B 59 -15.76 -22.14 26.84
CA HIS B 59 -15.08 -22.81 27.98
C HIS B 59 -13.78 -22.09 28.34
N ARG B 60 -13.68 -20.79 28.03
CA ARG B 60 -12.39 -20.04 28.13
C ARG B 60 -11.37 -20.69 27.18
N LEU B 61 -11.83 -21.34 26.10
CA LEU B 61 -10.98 -21.80 24.97
C LEU B 61 -11.31 -20.95 23.73
N PRO B 62 -10.31 -20.29 23.12
CA PRO B 62 -10.55 -19.53 21.90
C PRO B 62 -10.82 -20.45 20.71
N HIS B 63 -11.80 -20.08 19.93
CA HIS B 63 -12.24 -20.77 18.71
C HIS B 63 -12.24 -19.80 17.54
N VAL B 64 -11.75 -20.19 16.38
CA VAL B 64 -11.82 -19.36 15.16
C VAL B 64 -13.03 -19.73 14.33
N LEU B 65 -13.79 -18.79 13.79
CA LEU B 65 -14.93 -19.02 12.88
C LEU B 65 -14.46 -19.35 11.45
N LEU B 66 -14.78 -20.53 10.93
CA LEU B 66 -14.34 -21.00 9.58
C LEU B 66 -15.59 -21.28 8.74
N LEU B 67 -15.54 -21.00 7.43
CA LEU B 67 -16.53 -21.47 6.44
C LEU B 67 -16.17 -22.92 6.03
N GLN B 68 -17.13 -23.84 6.16
CA GLN B 68 -16.96 -25.27 5.81
C GLN B 68 -17.72 -25.58 4.51
N LEU B 69 -17.00 -26.16 3.54
CA LEU B 69 -17.50 -26.54 2.19
C LEU B 69 -17.46 -28.07 2.08
N GLY B 70 -18.62 -28.71 2.20
CA GLY B 70 -18.74 -30.19 2.27
C GLY B 70 -18.31 -30.70 3.64
N THR B 71 -17.44 -31.71 3.67
CA THR B 71 -16.96 -32.39 4.91
C THR B 71 -15.58 -31.85 5.32
N THR B 72 -14.65 -31.72 4.37
CA THR B 72 -13.19 -31.61 4.62
C THR B 72 -12.63 -30.23 4.25
N PHE B 73 -13.36 -29.40 3.51
CA PHE B 73 -12.88 -28.10 2.97
C PHE B 73 -13.17 -26.98 3.97
N PHE B 74 -12.24 -26.03 4.13
CA PHE B 74 -12.38 -24.91 5.10
C PHE B 74 -11.73 -23.65 4.54
N LYS B 75 -12.38 -22.49 4.74
CA LYS B 75 -11.92 -21.15 4.26
C LYS B 75 -12.07 -20.13 5.40
N LEU B 76 -11.33 -19.02 5.35
CA LEU B 76 -11.65 -17.79 6.08
C LEU B 76 -12.56 -16.89 5.24
N PRO B 77 -13.46 -16.11 5.86
CA PRO B 77 -14.24 -15.11 5.14
C PRO B 77 -13.26 -14.04 4.62
N GLY B 78 -13.42 -13.66 3.37
CA GLY B 78 -12.56 -12.67 2.70
C GLY B 78 -12.66 -12.77 1.19
N GLY B 79 -11.68 -12.26 0.44
CA GLY B 79 -11.77 -12.28 -1.04
C GLY B 79 -10.87 -11.21 -1.67
N GLU B 80 -11.19 -10.84 -2.90
CA GLU B 80 -10.33 -10.04 -3.78
C GLU B 80 -10.67 -8.56 -3.59
N LEU B 81 -9.66 -7.69 -3.45
CA LEU B 81 -9.84 -6.22 -3.44
C LEU B 81 -10.04 -5.70 -4.88
N ASN B 82 -10.87 -4.67 -5.04
CA ASN B 82 -11.07 -3.93 -6.31
C ASN B 82 -9.84 -3.06 -6.57
N PRO B 83 -9.56 -2.68 -7.84
CA PRO B 83 -8.41 -1.85 -8.17
C PRO B 83 -8.36 -0.56 -7.33
N GLY B 84 -7.26 -0.38 -6.59
CA GLY B 84 -7.03 0.80 -5.75
C GLY B 84 -7.83 0.85 -4.45
N GLU B 85 -8.49 -0.26 -4.07
CA GLU B 85 -9.34 -0.26 -2.84
C GLU B 85 -8.45 -0.37 -1.57
N ASP B 86 -8.78 0.41 -0.55
CA ASP B 86 -8.17 0.29 0.81
C ASP B 86 -8.39 -1.13 1.38
N GLU B 87 -7.35 -1.69 1.96
CA GLU B 87 -7.36 -3.11 2.46
C GLU B 87 -8.45 -3.26 3.53
N VAL B 88 -8.48 -2.40 4.56
CA VAL B 88 -9.45 -2.48 5.69
C VAL B 88 -10.87 -2.21 5.18
N GLU B 89 -11.12 -1.18 4.37
CA GLU B 89 -12.51 -0.93 3.88
C GLU B 89 -12.92 -2.09 2.95
N GLY B 90 -12.00 -2.67 2.17
CA GLY B 90 -12.26 -3.83 1.31
C GLY B 90 -12.62 -5.09 2.10
N LEU B 91 -11.86 -5.42 3.15
CA LEU B 91 -12.31 -6.53 4.06
C LEU B 91 -13.72 -6.28 4.64
N LYS B 92 -14.07 -5.07 5.08
CA LYS B 92 -15.40 -4.77 5.68
C LYS B 92 -16.48 -5.01 4.60
N ARG B 93 -16.26 -4.57 3.36
CA ARG B 93 -17.20 -4.83 2.23
C ARG B 93 -17.40 -6.35 2.04
N LEU B 94 -16.31 -7.11 2.00
CA LEU B 94 -16.35 -8.58 1.75
C LEU B 94 -17.02 -9.35 2.90
N MET B 95 -16.81 -8.96 4.15
N MET B 95 -16.73 -8.96 4.15
CA MET B 95 -17.40 -9.67 5.31
CA MET B 95 -17.35 -9.51 5.39
C MET B 95 -18.91 -9.37 5.39
C MET B 95 -18.87 -9.40 5.25
N THR B 96 -19.34 -8.19 4.92
CA THR B 96 -20.79 -7.84 4.80
C THR B 96 -21.40 -8.65 3.64
N GLU B 97 -20.65 -8.83 2.53
CA GLU B 97 -21.09 -9.65 1.37
C GLU B 97 -21.33 -11.09 1.83
N ILE B 98 -20.41 -11.66 2.62
CA ILE B 98 -20.45 -13.11 2.97
C ILE B 98 -21.40 -13.32 4.16
N LEU B 99 -21.33 -12.50 5.24
CA LEU B 99 -22.04 -12.84 6.51
C LEU B 99 -23.10 -11.82 6.91
N GLY B 100 -23.19 -10.69 6.20
CA GLY B 100 -24.14 -9.61 6.52
C GLY B 100 -25.56 -9.95 6.10
N ARG B 101 -26.52 -9.55 6.94
CA ARG B 101 -27.98 -9.77 6.73
C ARG B 101 -28.43 -8.86 5.60
N GLN B 102 -29.30 -9.37 4.71
CA GLN B 102 -29.84 -8.65 3.52
C GLN B 102 -31.33 -8.38 3.73
N ASP B 103 -31.70 -7.14 4.13
CA ASP B 103 -30.81 -6.10 4.62
C ASP B 103 -31.52 -5.43 5.80
N GLY B 104 -30.80 -4.64 6.62
CA GLY B 104 -29.39 -4.31 6.47
C GLY B 104 -28.98 -3.28 7.50
N VAL B 105 -28.28 -3.69 8.57
CA VAL B 105 -28.10 -2.95 9.86
C VAL B 105 -27.49 -1.55 9.63
N LEU B 106 -26.22 -1.45 9.20
CA LEU B 106 -25.35 -2.57 8.84
C LEU B 106 -24.33 -2.80 9.97
N GLN B 107 -23.65 -3.96 9.93
CA GLN B 107 -22.71 -4.46 10.97
C GLN B 107 -21.50 -3.52 11.07
N ASP B 108 -21.08 -3.18 12.29
CA ASP B 108 -19.88 -2.36 12.61
C ASP B 108 -18.70 -3.31 12.83
N TRP B 109 -17.99 -3.70 11.77
CA TRP B 109 -16.75 -4.52 11.87
C TRP B 109 -15.63 -3.62 12.40
N VAL B 110 -14.92 -4.02 13.45
CA VAL B 110 -13.76 -3.29 14.01
C VAL B 110 -12.48 -4.06 13.62
N ILE B 111 -11.56 -3.43 12.86
CA ILE B 111 -10.36 -4.11 12.28
C ILE B 111 -9.14 -3.22 12.54
N ASP B 112 -8.34 -3.53 13.56
CA ASP B 112 -7.15 -2.72 14.02
C ASP B 112 -5.83 -3.52 14.11
N ASP B 113 -5.76 -4.80 13.72
CA ASP B 113 -4.52 -5.58 13.90
C ASP B 113 -4.25 -6.38 12.61
N CYS B 114 -3.04 -6.29 12.09
CA CYS B 114 -2.49 -7.18 11.03
C CYS B 114 -1.95 -8.40 11.75
N ILE B 115 -2.40 -9.63 11.37
CA ILE B 115 -2.01 -10.96 11.91
C ILE B 115 -0.82 -11.49 11.09
N GLY B 116 -0.79 -11.28 9.75
CA GLY B 116 0.23 -11.89 8.88
C GLY B 116 0.04 -11.60 7.41
N ASN B 117 0.97 -12.09 6.58
CA ASN B 117 1.06 -11.87 5.12
C ASN B 117 1.51 -13.21 4.45
N TRP B 118 0.87 -13.52 3.34
CA TRP B 118 1.25 -14.69 2.47
C TRP B 118 1.39 -14.23 1.02
N TRP B 119 2.39 -14.83 0.35
CA TRP B 119 2.75 -14.49 -1.05
C TRP B 119 2.76 -15.76 -1.94
N ARG B 120 2.26 -15.60 -3.15
CA ARG B 120 2.18 -16.68 -4.18
C ARG B 120 3.16 -16.34 -5.31
N PRO B 121 4.32 -17.04 -5.40
CA PRO B 121 5.36 -16.65 -6.36
C PRO B 121 4.95 -16.94 -7.82
N ASN B 122 4.19 -18.01 -8.04
CA ASN B 122 3.85 -18.54 -9.40
C ASN B 122 2.33 -18.62 -9.60
N PHE B 123 1.86 -18.91 -10.81
CA PHE B 123 0.44 -19.22 -11.10
C PHE B 123 0.22 -20.70 -10.75
N GLU B 124 0.47 -21.07 -9.48
CA GLU B 124 0.50 -22.45 -8.91
C GLU B 124 -0.02 -22.38 -7.47
N PRO B 125 -0.47 -23.49 -6.86
CA PRO B 125 -1.06 -23.44 -5.52
C PRO B 125 -0.16 -22.90 -4.41
N PRO B 126 1.17 -23.16 -4.39
CA PRO B 126 1.99 -22.82 -3.23
C PRO B 126 2.01 -21.33 -2.84
N GLN B 127 1.79 -21.13 -1.53
CA GLN B 127 1.90 -19.77 -0.88
C GLN B 127 2.91 -19.85 0.27
N TYR B 128 3.62 -18.74 0.57
CA TYR B 128 4.69 -18.67 1.57
C TYR B 128 4.52 -17.41 2.44
N PRO B 129 4.90 -17.52 3.72
CA PRO B 129 4.79 -16.39 4.67
C PRO B 129 6.01 -15.46 4.63
N TYR B 130 6.58 -15.30 3.43
CA TYR B 130 7.82 -14.54 3.15
C TYR B 130 7.85 -14.35 1.63
N ILE B 131 8.58 -13.36 1.13
CA ILE B 131 8.77 -13.17 -0.34
C ILE B 131 9.98 -14.01 -0.73
N PRO B 132 9.82 -15.09 -1.54
CA PRO B 132 10.95 -15.96 -1.76
C PRO B 132 12.06 -15.24 -2.55
N ALA B 133 13.24 -15.79 -2.43
CA ALA B 133 14.49 -15.31 -3.09
C ALA B 133 14.27 -15.07 -4.58
N HIS B 134 14.65 -13.90 -5.08
CA HIS B 134 14.68 -13.51 -6.52
C HIS B 134 13.27 -13.49 -7.10
N ILE B 135 12.24 -13.48 -6.27
CA ILE B 135 10.84 -13.28 -6.75
C ILE B 135 10.53 -11.78 -6.66
N THR B 136 10.69 -11.09 -7.78
CA THR B 136 10.60 -9.61 -7.83
C THR B 136 9.15 -9.26 -8.07
N LYS B 137 8.40 -10.11 -8.79
CA LYS B 137 6.98 -9.85 -9.14
C LYS B 137 6.05 -10.97 -8.65
N PRO B 138 5.66 -11.07 -7.36
CA PRO B 138 4.71 -12.12 -6.95
C PRO B 138 3.34 -11.95 -7.62
N LYS B 139 2.62 -13.07 -7.83
CA LYS B 139 1.31 -13.08 -8.52
C LYS B 139 0.13 -12.74 -7.58
N GLU B 140 0.27 -12.97 -6.27
CA GLU B 140 -0.77 -12.64 -5.25
C GLU B 140 -0.07 -12.25 -3.94
N HIS B 141 -0.62 -11.23 -3.26
CA HIS B 141 -0.33 -10.84 -1.86
C HIS B 141 -1.62 -10.95 -1.02
N LYS B 142 -1.62 -11.85 -0.02
CA LYS B 142 -2.77 -12.11 0.88
C LYS B 142 -2.44 -11.51 2.25
N LYS B 143 -3.35 -10.68 2.76
CA LYS B 143 -3.20 -10.08 4.11
C LYS B 143 -4.26 -10.63 5.09
N LEU B 144 -3.85 -11.00 6.30
CA LEU B 144 -4.79 -11.51 7.35
C LEU B 144 -4.93 -10.49 8.49
N PHE B 145 -6.18 -10.22 8.85
CA PHE B 145 -6.55 -9.23 9.90
C PHE B 145 -7.34 -9.91 11.03
N LEU B 146 -7.14 -9.46 12.27
CA LEU B 146 -7.99 -9.85 13.44
C LEU B 146 -9.24 -8.95 13.45
N VAL B 147 -10.44 -9.53 13.34
CA VAL B 147 -11.72 -8.76 13.29
C VAL B 147 -12.35 -8.89 14.68
N GLN B 148 -12.43 -7.78 15.45
CA GLN B 148 -13.02 -7.76 16.82
C GLN B 148 -14.55 -7.79 16.68
N LEU B 149 -15.23 -8.66 17.42
CA LEU B 149 -16.70 -8.78 17.32
C LEU B 149 -17.35 -7.99 18.47
N GLN B 150 -18.55 -7.53 18.23
CA GLN B 150 -19.37 -6.90 19.30
C GLN B 150 -19.81 -8.00 20.27
N GLU B 151 -20.30 -7.63 21.44
CA GLU B 151 -20.83 -8.58 22.45
C GLU B 151 -21.88 -9.54 21.85
N LYS B 152 -22.81 -9.06 21.00
CA LYS B 152 -23.88 -9.82 20.30
C LYS B 152 -23.92 -9.42 18.84
N ALA B 153 -24.16 -10.40 17.96
CA ALA B 153 -24.33 -10.15 16.52
C ALA B 153 -25.16 -11.28 15.89
N LEU B 154 -25.84 -10.95 14.80
CA LEU B 154 -26.52 -11.89 13.88
C LEU B 154 -25.64 -12.06 12.62
N PHE B 155 -25.22 -13.28 12.30
CA PHE B 155 -24.55 -13.66 11.03
C PHE B 155 -25.55 -14.34 10.08
N ALA B 156 -25.66 -13.89 8.83
CA ALA B 156 -26.44 -14.54 7.75
C ALA B 156 -25.50 -15.34 6.84
N VAL B 157 -25.49 -16.66 7.01
CA VAL B 157 -24.52 -17.58 6.36
C VAL B 157 -25.11 -18.12 5.07
N PRO B 158 -24.43 -17.97 3.91
CA PRO B 158 -24.94 -18.51 2.64
C PRO B 158 -25.22 -20.02 2.71
N LYS B 159 -26.36 -20.42 2.12
CA LYS B 159 -27.03 -21.74 2.32
C LYS B 159 -26.08 -22.91 2.05
N ASN B 160 -25.15 -22.76 1.11
CA ASN B 160 -24.22 -23.86 0.70
C ASN B 160 -22.99 -23.99 1.61
N TYR B 161 -22.88 -23.15 2.64
CA TYR B 161 -21.75 -23.20 3.61
C TYR B 161 -22.30 -23.38 5.02
N LYS B 162 -21.47 -23.96 5.91
CA LYS B 162 -21.66 -23.96 7.39
C LYS B 162 -20.57 -23.04 7.97
N LEU B 163 -20.90 -22.21 8.95
CA LEU B 163 -19.91 -21.50 9.83
C LEU B 163 -19.65 -22.41 11.03
N VAL B 164 -18.41 -22.86 11.22
CA VAL B 164 -18.00 -23.74 12.36
C VAL B 164 -17.04 -22.98 13.26
N ALA B 165 -17.20 -23.18 14.56
CA ALA B 165 -16.28 -22.66 15.58
C ALA B 165 -15.20 -23.70 15.85
N ALA B 166 -13.97 -23.50 15.37
CA ALA B 166 -12.89 -24.48 15.50
C ALA B 166 -11.96 -24.13 16.65
N PRO B 167 -11.71 -24.96 17.68
CA PRO B 167 -10.76 -24.65 18.74
C PRO B 167 -9.32 -24.62 18.23
N LEU B 168 -8.47 -23.79 18.84
CA LEU B 168 -7.06 -23.64 18.39
C LEU B 168 -6.35 -24.99 18.42
N PHE B 169 -6.56 -25.84 19.43
CA PHE B 169 -5.87 -27.14 19.51
C PHE B 169 -6.17 -27.99 18.28
N GLU B 170 -7.36 -27.93 17.64
CA GLU B 170 -7.71 -28.73 16.44
C GLU B 170 -6.92 -28.21 15.23
N LEU B 171 -6.71 -26.90 15.11
CA LEU B 171 -6.01 -26.31 13.95
C LEU B 171 -4.53 -26.70 14.03
N TYR B 172 -3.93 -26.61 15.22
CA TYR B 172 -2.50 -26.95 15.50
C TYR B 172 -2.32 -28.37 14.97
N ASP B 173 -3.23 -29.30 15.28
CA ASP B 173 -2.95 -30.49 16.06
C ASP B 173 -3.07 -31.59 15.01
N ASN B 174 -4.02 -31.36 14.13
CA ASN B 174 -4.04 -31.88 12.74
C ASN B 174 -3.03 -31.01 11.98
N ALA B 175 -3.51 -30.12 11.11
CA ALA B 175 -2.73 -29.16 10.29
C ALA B 175 -2.77 -29.60 8.83
N PRO B 176 -2.41 -30.87 8.50
CA PRO B 176 -2.67 -31.40 7.16
C PRO B 176 -4.11 -31.13 6.67
N GLY B 177 -5.10 -31.21 7.57
CA GLY B 177 -6.54 -31.03 7.25
C GLY B 177 -6.95 -29.59 6.92
N TYR B 178 -6.23 -28.59 7.44
CA TYR B 178 -6.66 -27.16 7.33
C TYR B 178 -5.85 -26.33 6.33
N GLY B 179 -4.70 -26.82 5.87
CA GLY B 179 -3.83 -26.02 4.98
C GLY B 179 -2.85 -25.18 5.79
N PRO B 180 -1.78 -24.63 5.18
CA PRO B 180 -0.75 -23.96 5.97
C PRO B 180 -1.13 -22.59 6.59
N ILE B 181 -2.08 -21.91 5.99
CA ILE B 181 -2.56 -20.59 6.52
C ILE B 181 -3.42 -20.83 7.79
N ILE B 182 -4.47 -21.63 7.67
CA ILE B 182 -5.40 -21.79 8.83
C ILE B 182 -4.68 -22.51 9.95
N SER B 183 -3.83 -23.54 9.67
CA SER B 183 -3.15 -24.32 10.71
C SER B 183 -2.06 -23.56 11.48
N SER B 184 -1.59 -22.36 10.99
CA SER B 184 -0.61 -21.52 11.74
C SER B 184 -1.33 -20.35 12.45
N LEU B 185 -2.66 -20.32 12.40
CA LEU B 185 -3.37 -19.28 13.20
C LEU B 185 -3.10 -19.39 14.69
N PRO B 186 -3.00 -20.57 15.37
CA PRO B 186 -2.67 -20.67 16.78
C PRO B 186 -1.39 -19.88 17.11
N GLN B 187 -0.32 -20.08 16.34
CA GLN B 187 0.95 -19.34 16.54
C GLN B 187 0.72 -17.82 16.38
N LEU B 188 0.02 -17.41 15.36
CA LEU B 188 -0.17 -15.98 14.98
C LEU B 188 -1.06 -15.33 16.06
N LEU B 189 -1.90 -16.07 16.74
CA LEU B 189 -2.83 -15.46 17.76
C LEU B 189 -2.19 -15.52 19.16
N SER B 190 -1.09 -16.21 19.42
CA SER B 190 -0.50 -16.45 20.73
C SER B 190 -0.05 -15.17 21.42
N ARG B 191 0.27 -14.11 20.66
CA ARG B 191 0.76 -12.83 21.25
C ARG B 191 -0.42 -12.11 21.90
N PHE B 192 -1.68 -12.43 21.62
CA PHE B 192 -2.83 -11.58 22.10
C PHE B 192 -3.17 -11.92 23.55
N ASN B 193 -3.57 -10.88 24.35
CA ASN B 193 -4.10 -11.06 25.71
C ASN B 193 -5.63 -11.15 25.57
N PHE B 194 -6.20 -12.33 25.49
CA PHE B 194 -7.65 -12.58 25.34
C PHE B 194 -8.37 -12.40 26.69
N ILE B 195 -9.45 -11.65 26.67
CA ILE B 195 -10.41 -11.51 27.83
C ILE B 195 -11.63 -12.40 27.55
N TYR B 196 -12.00 -13.27 28.50
CA TYR B 196 -13.12 -14.24 28.34
C TYR B 196 -14.35 -13.65 29.04
N ASN B 197 -15.19 -12.98 28.27
CA ASN B 197 -16.39 -12.29 28.78
C ASN B 197 -17.55 -13.29 28.96
ZN ZN C . 11.27 19.68 10.30
ZN ZN D . 21.97 18.65 -30.28
C ACT E . 28.23 27.84 -13.67
O ACT E . 27.18 27.25 -13.33
OXT ACT E . 29.34 27.27 -13.73
CH3 ACT E . 28.18 29.35 -14.06
C ACT F . 5.71 31.47 -16.83
O ACT F . 4.88 31.20 -15.93
OXT ACT F . 6.52 30.64 -17.32
CH3 ACT F . 5.72 32.92 -17.35
ZN ZN G . -15.17 -26.04 21.69
ZN ZN H . 20.17 -15.81 -4.78
ZN ZN I . 19.91 -12.35 -10.30
ZN ZN J . 3.97 -8.00 -1.15
N1 RW7 K . -16.53 -16.60 -3.26
C4 RW7 K . -17.26 -12.68 -1.96
C5 RW7 K . -18.04 -13.23 -2.96
C6 RW7 K . -17.79 -14.52 -3.39
C7 RW7 K . -16.77 -15.28 -2.82
C8 RW7 K . -14.69 -16.74 0.94
C10 RW7 K . -14.88 -18.78 -0.87
C13 RW7 K . -19.20 -18.31 0.85
C1 RW7 K . -14.87 -15.45 -1.11
C11 RW7 K . -16.96 -18.40 -0.35
C12 RW7 K . -18.01 -17.53 0.33
C14 RW7 K . -15.82 -17.60 -2.66
C2 RW7 K . -15.99 -14.72 -1.78
C3 RW7 K . -16.25 -13.41 -1.38
C9 RW7 K . -15.88 -17.64 -1.12
N2 RW7 K . -15.15 -16.58 -0.44
O1 RW7 K . -13.73 -14.98 -1.15
O2 RW7 K . -15.18 -18.41 -3.29
#